data_3EQE
#
_entry.id   3EQE
#
_cell.length_a   65.830
_cell.length_b   65.830
_cell.length_c   197.190
_cell.angle_alpha   90.00
_cell.angle_beta   90.00
_cell.angle_gamma   90.00
#
_symmetry.space_group_name_H-M   'P 43 2 2'
#
loop_
_entity.id
_entity.type
_entity.pdbx_description
1 polymer 'Putative cystein dioxygenase'
2 non-polymer 'FE (III) ION'
3 water water
#
_entity_poly.entity_id   1
_entity_poly.type   'polypeptide(L)'
_entity_poly.pdbx_seq_one_letter_code
;(MSE)GHHHHHHSH(MSE)ELYECIQDIFGGLKNPSVKDLATSLKQIPNAAKLSQPYIKEPDQYAYGRNAIYRNNELEII
VINIPPNKETTVHDHGQSIGCA(MSE)VLEGKLLNSIYRSTGEHAELSNSYFVHEGECLISTKGLIHK(MSE)SNPTSER
(MSE)VSLHVYSPPLED(MSE)TVFEEQKEVLENS
;
_entity_poly.pdbx_strand_id   A,B
#
loop_
_chem_comp.id
_chem_comp.type
_chem_comp.name
_chem_comp.formula
FE non-polymer 'FE (III) ION' 'Fe 3'
#
# COMPACT_ATOMS: atom_id res chain seq x y z
N SER A 9 -31.38 -16.89 -9.75
CA SER A 9 -30.05 -16.96 -10.41
C SER A 9 -28.94 -17.29 -9.40
N HIS A 10 -28.60 -18.58 -9.29
CA HIS A 10 -27.56 -19.06 -8.38
C HIS A 10 -26.21 -19.07 -9.12
N MSE A 11 -25.58 -17.89 -9.14
CA MSE A 11 -24.31 -17.67 -9.83
C MSE A 11 -23.12 -18.57 -9.53
O MSE A 11 -22.83 -18.92 -8.38
CB MSE A 11 -23.88 -16.20 -9.59
CG MSE A 11 -24.93 -15.16 -10.01
SE MSE A 11 -25.34 -15.02 -11.95
CE MSE A 11 -24.14 -13.54 -12.38
N GLU A 12 -22.42 -18.93 -10.60
CA GLU A 12 -21.22 -19.73 -10.56
C GLU A 12 -20.17 -18.69 -10.96
N LEU A 13 -18.88 -18.99 -10.85
CA LEU A 13 -17.85 -17.99 -11.20
C LEU A 13 -17.94 -17.40 -12.60
N TYR A 14 -17.72 -18.21 -13.62
CA TYR A 14 -17.78 -17.72 -15.00
C TYR A 14 -19.07 -16.97 -15.28
N GLU A 15 -20.11 -17.33 -14.54
CA GLU A 15 -21.40 -16.70 -14.69
C GLU A 15 -21.28 -15.24 -14.19
N CYS A 16 -20.53 -15.06 -13.11
CA CYS A 16 -20.32 -13.73 -12.52
C CYS A 16 -19.40 -12.90 -13.39
N ILE A 17 -18.36 -13.54 -13.92
CA ILE A 17 -17.38 -12.87 -14.77
C ILE A 17 -18.03 -12.28 -16.01
N GLN A 18 -18.85 -13.06 -16.71
CA GLN A 18 -19.54 -12.59 -17.91
C GLN A 18 -20.49 -11.43 -17.55
N ASP A 19 -21.21 -11.60 -16.45
CA ASP A 19 -22.18 -10.61 -15.97
C ASP A 19 -21.54 -9.29 -15.50
N ILE A 20 -20.27 -9.33 -15.12
CA ILE A 20 -19.59 -8.16 -14.61
C ILE A 20 -18.49 -7.62 -15.51
N PHE A 21 -17.62 -8.50 -15.98
CA PHE A 21 -16.48 -8.10 -16.81
C PHE A 21 -16.69 -8.15 -18.31
N GLY A 22 -17.70 -8.89 -18.74
CA GLY A 22 -17.98 -9.04 -20.15
C GLY A 22 -18.35 -7.83 -20.98
N GLY A 23 -19.06 -6.89 -20.38
CA GLY A 23 -19.47 -5.72 -21.15
C GLY A 23 -18.55 -4.51 -21.00
N LEU A 24 -17.42 -4.70 -20.33
CA LEU A 24 -16.52 -3.59 -20.13
C LEU A 24 -15.81 -3.23 -21.43
N LYS A 25 -15.68 -1.92 -21.65
CA LYS A 25 -15.04 -1.34 -22.81
C LYS A 25 -14.10 -0.28 -22.25
N ASN A 26 -12.79 -0.44 -22.48
CA ASN A 26 -11.80 0.51 -22.00
C ASN A 26 -11.97 0.93 -20.53
N PRO A 27 -11.97 -0.06 -19.61
CA PRO A 27 -12.13 0.20 -18.17
C PRO A 27 -10.88 0.80 -17.51
N SER A 28 -11.09 1.53 -16.42
CA SER A 28 -9.97 2.13 -15.67
C SER A 28 -9.58 1.24 -14.51
N VAL A 29 -8.42 1.52 -13.91
CA VAL A 29 -7.99 0.74 -12.78
C VAL A 29 -9.05 0.72 -11.69
N LYS A 30 -9.89 1.76 -11.60
CA LYS A 30 -10.96 1.77 -10.59
C LYS A 30 -12.21 1.06 -11.07
N ASP A 31 -12.40 1.01 -12.39
CA ASP A 31 -13.55 0.31 -12.96
C ASP A 31 -13.31 -1.14 -12.62
N LEU A 32 -12.06 -1.57 -12.82
CA LEU A 32 -11.66 -2.94 -12.55
C LEU A 32 -11.74 -3.28 -11.06
N ALA A 33 -11.32 -2.36 -10.21
CA ALA A 33 -11.34 -2.59 -8.77
C ALA A 33 -12.76 -2.73 -8.25
N THR A 34 -13.69 -1.91 -8.73
CA THR A 34 -15.05 -2.02 -8.24
C THR A 34 -15.74 -3.27 -8.82
N SER A 35 -15.33 -3.70 -10.00
CA SER A 35 -15.96 -4.87 -10.58
C SER A 35 -15.49 -6.13 -9.88
N LEU A 36 -14.25 -6.15 -9.41
CA LEU A 36 -13.74 -7.32 -8.67
C LEU A 36 -14.49 -7.42 -7.33
N LYS A 37 -14.73 -6.26 -6.72
CA LYS A 37 -15.44 -6.23 -5.45
C LYS A 37 -16.92 -6.60 -5.59
N GLN A 38 -17.40 -6.70 -6.83
CA GLN A 38 -18.79 -7.07 -7.08
C GLN A 38 -19.01 -8.59 -7.11
N ILE A 39 -17.95 -9.36 -6.94
CA ILE A 39 -18.07 -10.81 -6.94
C ILE A 39 -18.46 -11.31 -5.55
N PRO A 40 -19.51 -12.17 -5.47
CA PRO A 40 -20.02 -12.76 -4.22
C PRO A 40 -19.08 -13.82 -3.66
N ASN A 41 -18.48 -13.54 -2.51
CA ASN A 41 -17.53 -14.45 -1.87
C ASN A 41 -16.65 -15.10 -2.93
N ALA A 42 -16.03 -14.22 -3.71
CA ALA A 42 -15.14 -14.59 -4.78
C ALA A 42 -14.18 -15.68 -4.33
N ALA A 43 -13.81 -15.66 -3.06
CA ALA A 43 -12.89 -16.64 -2.52
C ALA A 43 -13.33 -18.09 -2.77
N LYS A 44 -14.61 -18.38 -2.52
CA LYS A 44 -15.13 -19.72 -2.72
C LYS A 44 -15.31 -20.05 -4.19
N LEU A 45 -15.80 -19.08 -4.95
CA LEU A 45 -16.00 -19.27 -6.39
C LEU A 45 -14.69 -19.48 -7.10
N SER A 46 -13.64 -18.81 -6.63
CA SER A 46 -12.31 -18.92 -7.23
C SER A 46 -11.78 -20.34 -7.18
N GLN A 47 -11.94 -21.01 -6.05
CA GLN A 47 -11.55 -22.41 -5.98
C GLN A 47 -12.69 -22.96 -6.80
N PRO A 48 -12.45 -24.01 -7.60
CA PRO A 48 -11.17 -24.69 -7.80
C PRO A 48 -10.47 -24.29 -9.08
N TYR A 49 -10.04 -23.04 -9.17
CA TYR A 49 -9.32 -22.60 -10.35
C TYR A 49 -7.90 -22.29 -9.89
N ILE A 50 -7.70 -22.43 -8.59
CA ILE A 50 -6.41 -22.21 -7.95
C ILE A 50 -5.48 -23.35 -8.33
N LYS A 51 -4.24 -23.03 -8.69
CA LYS A 51 -3.31 -24.06 -9.06
C LYS A 51 -1.98 -23.97 -8.35
N GLU A 52 -1.25 -25.07 -8.37
CA GLU A 52 0.05 -25.12 -7.72
C GLU A 52 1.11 -24.62 -8.66
N PRO A 53 2.22 -24.11 -8.12
CA PRO A 53 3.32 -23.59 -8.94
C PRO A 53 3.78 -24.63 -9.98
N ASP A 54 3.71 -24.24 -11.25
CA ASP A 54 4.14 -25.13 -12.33
C ASP A 54 5.43 -24.57 -12.91
N GLN A 55 5.30 -23.67 -13.88
CA GLN A 55 6.47 -23.05 -14.50
C GLN A 55 7.07 -22.01 -13.56
N TYR A 56 6.20 -21.26 -12.89
CA TYR A 56 6.61 -20.21 -11.98
C TYR A 56 6.78 -20.66 -10.55
N ALA A 57 7.18 -19.72 -9.70
CA ALA A 57 7.39 -19.96 -8.29
C ALA A 57 6.01 -19.92 -7.65
N TYR A 58 5.05 -19.39 -8.40
CA TYR A 58 3.69 -19.28 -7.94
C TYR A 58 2.71 -19.93 -8.89
N GLY A 59 1.54 -20.29 -8.34
CA GLY A 59 0.49 -20.91 -9.12
C GLY A 59 -0.17 -19.82 -9.94
N ARG A 60 -0.33 -20.07 -11.22
CA ARG A 60 -0.92 -19.08 -12.11
C ARG A 60 -1.92 -19.74 -13.06
N ASN A 61 -3.15 -19.27 -13.05
CA ASN A 61 -4.16 -19.86 -13.92
C ASN A 61 -5.02 -18.85 -14.65
N ALA A 62 -4.84 -18.75 -15.97
CA ALA A 62 -5.63 -17.87 -16.82
C ALA A 62 -7.00 -18.53 -16.88
N ILE A 63 -8.07 -17.80 -16.58
CA ILE A 63 -9.39 -18.41 -16.61
C ILE A 63 -10.44 -17.67 -17.44
N TYR A 64 -10.11 -16.50 -17.95
CA TYR A 64 -11.05 -15.74 -18.77
C TYR A 64 -10.28 -14.77 -19.65
N ARG A 65 -10.85 -14.44 -20.79
CA ARG A 65 -10.18 -13.53 -21.70
C ARG A 65 -11.07 -13.07 -22.84
N ASN A 66 -10.87 -11.83 -23.28
CA ASN A 66 -11.60 -11.30 -24.42
C ASN A 66 -10.69 -10.27 -25.05
N ASN A 67 -11.20 -9.31 -25.83
CA ASN A 67 -10.29 -8.35 -26.44
C ASN A 67 -10.06 -7.22 -25.48
N GLU A 68 -10.97 -7.14 -24.52
CA GLU A 68 -10.95 -6.12 -23.50
C GLU A 68 -10.05 -6.44 -22.29
N LEU A 69 -10.33 -7.56 -21.62
CA LEU A 69 -9.57 -7.92 -20.43
C LEU A 69 -9.18 -9.37 -20.32
N GLU A 70 -8.39 -9.65 -19.29
CA GLU A 70 -7.90 -10.98 -19.00
C GLU A 70 -7.91 -11.21 -17.50
N ILE A 71 -8.44 -12.35 -17.05
CA ILE A 71 -8.52 -12.65 -15.61
C ILE A 71 -7.67 -13.87 -15.20
N ILE A 72 -6.77 -13.71 -14.23
CA ILE A 72 -6.00 -14.88 -13.80
C ILE A 72 -6.04 -15.14 -12.29
N VAL A 73 -5.90 -16.41 -11.92
CA VAL A 73 -5.92 -16.80 -10.50
C VAL A 73 -4.48 -17.06 -10.11
N ILE A 74 -4.03 -16.36 -9.09
CA ILE A 74 -2.65 -16.48 -8.65
C ILE A 74 -2.54 -17.01 -7.23
N ASN A 75 -1.55 -17.86 -7.04
CA ASN A 75 -1.31 -18.52 -5.76
C ASN A 75 0.16 -18.40 -5.38
N ILE A 76 0.46 -17.57 -4.38
CA ILE A 76 1.85 -17.42 -3.95
C ILE A 76 2.13 -18.13 -2.63
N PRO A 77 2.75 -19.33 -2.69
CA PRO A 77 3.07 -20.08 -1.48
C PRO A 77 3.91 -19.25 -0.50
N PRO A 78 3.85 -19.58 0.80
CA PRO A 78 4.62 -18.84 1.80
C PRO A 78 6.09 -18.65 1.45
N ASN A 79 6.53 -17.39 1.56
CA ASN A 79 7.90 -16.97 1.26
C ASN A 79 8.29 -17.09 -0.21
N LYS A 80 7.36 -16.72 -1.08
CA LYS A 80 7.57 -16.77 -2.51
C LYS A 80 7.20 -15.41 -3.10
N GLU A 81 7.80 -15.07 -4.23
CA GLU A 81 7.52 -13.78 -4.85
C GLU A 81 7.53 -13.87 -6.36
N THR A 82 6.96 -12.85 -7.00
CA THR A 82 6.93 -12.79 -8.44
C THR A 82 8.21 -12.05 -8.82
N THR A 83 8.36 -11.76 -10.09
CA THR A 83 9.52 -11.03 -10.55
C THR A 83 9.16 -9.56 -10.41
N VAL A 84 10.11 -8.69 -10.75
CA VAL A 84 9.87 -7.25 -10.72
C VAL A 84 9.41 -7.01 -12.15
N HIS A 85 8.21 -6.48 -12.35
CA HIS A 85 7.73 -6.31 -13.70
C HIS A 85 6.71 -5.20 -13.93
N ASP A 86 6.46 -4.92 -15.20
CA ASP A 86 5.44 -3.96 -15.60
C ASP A 86 4.49 -4.83 -16.42
N HIS A 87 3.30 -4.35 -16.73
CA HIS A 87 2.37 -5.19 -17.46
C HIS A 87 2.22 -4.79 -18.91
N GLY A 88 3.37 -4.66 -19.56
CA GLY A 88 3.39 -4.29 -20.95
C GLY A 88 2.73 -2.93 -21.02
N GLN A 89 1.50 -2.90 -21.50
CA GLN A 89 0.76 -1.65 -21.62
C GLN A 89 -0.65 -1.78 -21.03
N SER A 90 -0.97 -2.98 -20.57
CA SER A 90 -2.28 -3.23 -19.97
C SER A 90 -2.23 -3.15 -18.45
N ILE A 91 -3.17 -2.40 -17.87
CA ILE A 91 -3.22 -2.23 -16.43
C ILE A 91 -3.77 -3.49 -15.74
N GLY A 92 -3.61 -3.55 -14.43
CA GLY A 92 -4.07 -4.69 -13.65
C GLY A 92 -4.59 -4.28 -12.28
N CYS A 93 -5.47 -5.10 -11.73
CA CYS A 93 -6.03 -4.84 -10.44
C CYS A 93 -6.07 -6.21 -9.88
N ALA A 94 -5.92 -6.35 -8.60
CA ALA A 94 -5.95 -7.67 -8.10
C ALA A 94 -6.64 -7.61 -6.82
N MSE A 95 -7.14 -8.75 -6.44
CA MSE A 95 -7.78 -8.72 -5.20
C MSE A 95 -7.26 -9.95 -4.51
O MSE A 95 -7.32 -11.04 -5.07
CB MSE A 95 -9.29 -8.75 -5.40
CG MSE A 95 -10.06 -8.83 -4.11
SE MSE A 95 -11.98 -8.50 -4.19
CE MSE A 95 -12.57 -10.26 -4.75
N VAL A 96 -6.71 -9.77 -3.32
CA VAL A 96 -6.24 -10.92 -2.55
C VAL A 96 -7.52 -11.58 -2.05
N LEU A 97 -7.62 -12.86 -2.33
CA LEU A 97 -8.80 -13.64 -1.98
C LEU A 97 -8.74 -14.19 -0.62
N GLU A 98 -7.57 -14.67 -0.33
CA GLU A 98 -7.30 -15.25 0.94
C GLU A 98 -5.79 -15.08 1.04
N GLY A 99 -5.34 -14.51 2.13
CA GLY A 99 -3.91 -14.33 2.26
C GLY A 99 -3.58 -12.89 2.51
N LYS A 100 -2.31 -12.58 2.36
CA LYS A 100 -1.89 -11.24 2.62
C LYS A 100 -0.61 -11.08 1.85
N LEU A 101 -0.53 -10.05 1.02
CA LEU A 101 0.71 -9.89 0.28
C LEU A 101 1.33 -8.54 0.45
N LEU A 102 2.64 -8.50 0.18
CA LEU A 102 3.40 -7.27 0.26
C LEU A 102 3.61 -6.88 -1.19
N ASN A 103 3.13 -5.71 -1.55
CA ASN A 103 3.29 -5.23 -2.91
C ASN A 103 4.38 -4.15 -2.90
N SER A 104 5.49 -4.44 -3.57
CA SER A 104 6.60 -3.52 -3.62
C SER A 104 6.61 -2.72 -4.92
N ILE A 105 6.67 -1.41 -4.82
CA ILE A 105 6.69 -0.57 -6.01
C ILE A 105 8.13 -0.31 -6.39
N TYR A 106 8.40 -0.24 -7.68
CA TYR A 106 9.75 -0.01 -8.13
C TYR A 106 9.85 1.26 -8.94
N ARG A 107 11.02 1.87 -8.84
CA ARG A 107 11.31 3.08 -9.56
C ARG A 107 12.12 2.66 -10.77
N SER A 108 11.80 3.29 -11.88
CA SER A 108 12.48 3.03 -13.15
C SER A 108 13.88 3.63 -13.00
N THR A 109 14.91 2.84 -13.24
CA THR A 109 16.25 3.41 -13.07
C THR A 109 17.30 2.79 -13.98
N GLY A 110 16.99 2.73 -15.27
CA GLY A 110 17.91 2.15 -16.22
C GLY A 110 17.46 0.79 -16.67
N GLU A 111 18.31 -0.22 -16.47
CA GLU A 111 17.99 -1.58 -16.87
C GLU A 111 17.73 -2.44 -15.64
N HIS A 112 17.98 -1.86 -14.49
CA HIS A 112 17.77 -2.54 -13.23
C HIS A 112 16.67 -1.67 -12.60
N ALA A 113 16.26 -1.95 -11.37
CA ALA A 113 15.22 -1.11 -10.80
C ALA A 113 15.37 -1.02 -9.30
N GLU A 114 15.11 0.16 -8.76
CA GLU A 114 15.22 0.35 -7.33
C GLU A 114 13.84 0.34 -6.66
N LEU A 115 13.79 -0.15 -5.43
CA LEU A 115 12.52 -0.21 -4.69
C LEU A 115 12.11 1.24 -4.38
N SER A 116 10.83 1.56 -4.58
CA SER A 116 10.36 2.91 -4.34
C SER A 116 9.35 3.02 -3.21
N ASN A 117 8.48 2.02 -3.08
CA ASN A 117 7.47 2.02 -2.04
C ASN A 117 7.10 0.57 -1.76
N SER A 118 6.35 0.33 -0.70
CA SER A 118 5.94 -1.02 -0.36
C SER A 118 4.83 -0.97 0.67
N TYR A 119 3.88 -1.90 0.57
CA TYR A 119 2.75 -1.95 1.49
C TYR A 119 2.04 -3.29 1.40
N PHE A 120 1.12 -3.52 2.32
CA PHE A 120 0.37 -4.77 2.31
C PHE A 120 -1.02 -4.52 1.79
N VAL A 121 -1.63 -5.57 1.27
CA VAL A 121 -3.00 -5.55 0.80
C VAL A 121 -3.53 -6.85 1.38
N HIS A 122 -4.67 -6.77 2.09
CA HIS A 122 -5.23 -7.94 2.75
C HIS A 122 -6.46 -8.47 2.02
N GLU A 123 -6.97 -9.62 2.45
CA GLU A 123 -8.15 -10.21 1.80
C GLU A 123 -9.22 -9.15 1.55
N GLY A 124 -9.87 -9.21 0.40
CA GLY A 124 -10.92 -8.26 0.09
C GLY A 124 -10.45 -6.90 -0.36
N GLU A 125 -9.16 -6.65 -0.19
CA GLU A 125 -8.58 -5.38 -0.60
C GLU A 125 -7.92 -5.61 -1.94
N CYS A 126 -7.73 -4.54 -2.71
CA CYS A 126 -7.11 -4.66 -4.03
C CYS A 126 -5.82 -3.90 -4.19
N LEU A 127 -5.10 -4.22 -5.25
CA LEU A 127 -3.89 -3.50 -5.57
C LEU A 127 -4.14 -2.97 -6.98
N ILE A 128 -3.79 -1.71 -7.18
CA ILE A 128 -3.95 -1.05 -8.47
C ILE A 128 -2.61 -1.15 -9.16
N SER A 129 -2.61 -1.34 -10.47
CA SER A 129 -1.36 -1.43 -11.20
C SER A 129 -1.44 -0.62 -12.47
N THR A 130 -1.42 0.69 -12.29
CA THR A 130 -1.49 1.64 -13.41
C THR A 130 -0.46 1.37 -14.49
N LYS A 131 -0.69 1.96 -15.66
CA LYS A 131 0.18 1.77 -16.80
C LYS A 131 1.63 2.15 -16.49
N GLY A 132 2.58 1.34 -16.96
CA GLY A 132 3.98 1.62 -16.72
C GLY A 132 4.52 1.23 -15.36
N LEU A 133 3.64 1.12 -14.37
CA LEU A 133 4.02 0.75 -13.00
C LEU A 133 4.80 -0.57 -12.95
N ILE A 134 5.86 -0.57 -12.15
CA ILE A 134 6.72 -1.73 -11.97
C ILE A 134 6.59 -2.22 -10.53
N HIS A 135 6.28 -3.49 -10.33
CA HIS A 135 6.12 -3.98 -8.96
C HIS A 135 6.54 -5.42 -8.76
N LYS A 136 6.39 -5.85 -7.51
CA LYS A 136 6.70 -7.20 -7.11
C LYS A 136 5.72 -7.54 -6.03
N MSE A 137 5.23 -8.77 -6.07
CA MSE A 137 4.31 -9.28 -5.07
C MSE A 137 5.02 -10.45 -4.41
O MSE A 137 5.54 -11.35 -5.10
CB MSE A 137 3.01 -9.76 -5.73
CG MSE A 137 2.17 -8.65 -6.29
SE MSE A 137 0.66 -9.30 -7.30
CE MSE A 137 -0.53 -9.64 -5.82
N SER A 138 5.08 -10.41 -3.08
CA SER A 138 5.72 -11.46 -2.32
C SER A 138 4.79 -11.87 -1.19
N ASN A 139 5.12 -12.95 -0.52
CA ASN A 139 4.31 -13.43 0.58
C ASN A 139 5.16 -13.74 1.80
N PRO A 140 5.28 -12.77 2.72
CA PRO A 140 6.06 -12.88 3.96
C PRO A 140 5.41 -13.77 5.03
N THR A 141 4.10 -13.99 4.92
CA THR A 141 3.38 -14.82 5.88
C THR A 141 3.73 -16.29 5.75
N SER A 142 3.22 -17.09 6.68
CA SER A 142 3.47 -18.52 6.72
C SER A 142 2.36 -19.32 6.03
N GLU A 143 1.37 -18.61 5.49
CA GLU A 143 0.26 -19.24 4.79
C GLU A 143 0.36 -18.82 3.33
N ARG A 144 -0.38 -19.49 2.44
CA ARG A 144 -0.33 -19.14 1.03
C ARG A 144 -1.19 -17.90 0.79
N MSE A 145 -1.02 -17.30 -0.37
CA MSE A 145 -1.74 -16.10 -0.76
C MSE A 145 -2.40 -16.34 -2.12
O MSE A 145 -1.71 -16.63 -3.10
CB MSE A 145 -0.78 -14.94 -0.82
CG MSE A 145 -1.41 -13.54 -0.86
SE MSE A 145 -2.35 -13.04 -2.49
CE MSE A 145 -0.90 -13.26 -3.78
N VAL A 146 -3.73 -16.22 -2.18
CA VAL A 146 -4.45 -16.40 -3.43
C VAL A 146 -5.05 -15.09 -3.90
N SER A 147 -4.77 -14.75 -5.15
CA SER A 147 -5.22 -13.50 -5.74
C SER A 147 -5.96 -13.64 -7.06
N LEU A 148 -6.91 -12.76 -7.27
CA LEU A 148 -7.69 -12.72 -8.51
C LEU A 148 -7.29 -11.44 -9.25
N HIS A 149 -6.58 -11.60 -10.37
CA HIS A 149 -6.12 -10.47 -11.17
C HIS A 149 -6.91 -10.23 -12.43
N VAL A 150 -6.88 -8.97 -12.90
CA VAL A 150 -7.55 -8.57 -14.12
C VAL A 150 -6.62 -7.61 -14.84
N TYR A 151 -6.34 -7.90 -16.10
CA TYR A 151 -5.47 -7.05 -16.90
C TYR A 151 -6.25 -6.56 -18.10
N SER A 152 -6.06 -5.29 -18.42
CA SER A 152 -6.73 -4.71 -19.57
C SER A 152 -5.76 -3.77 -20.26
N PRO A 153 -5.37 -4.09 -21.50
CA PRO A 153 -5.82 -5.29 -22.22
C PRO A 153 -5.05 -6.50 -21.72
N PRO A 154 -5.31 -7.67 -22.32
CA PRO A 154 -4.58 -8.85 -21.89
C PRO A 154 -3.09 -8.57 -22.00
N LEU A 155 -2.30 -9.16 -21.10
CA LEU A 155 -0.86 -8.96 -21.11
C LEU A 155 -0.26 -9.46 -22.42
N GLU A 156 0.60 -8.65 -23.02
CA GLU A 156 1.22 -9.04 -24.26
C GLU A 156 2.71 -9.21 -24.05
N ASP A 157 3.36 -8.23 -23.42
CA ASP A 157 4.80 -8.32 -23.18
C ASP A 157 5.32 -7.61 -21.92
N MSE A 158 5.32 -8.30 -20.79
CA MSE A 158 5.82 -7.71 -19.55
C MSE A 158 7.34 -7.70 -19.63
O MSE A 158 7.94 -8.58 -20.25
CB MSE A 158 5.45 -8.55 -18.33
CG MSE A 158 4.03 -9.09 -18.29
SE MSE A 158 3.89 -10.19 -16.69
CE MSE A 158 4.68 -11.85 -17.36
N THR A 159 7.98 -6.72 -18.99
CA THR A 159 9.43 -6.70 -18.99
C THR A 159 9.88 -6.91 -17.55
N VAL A 160 10.69 -7.95 -17.34
CA VAL A 160 11.18 -8.25 -16.01
C VAL A 160 12.47 -7.49 -15.74
N PHE A 161 12.51 -6.82 -14.61
CA PHE A 161 13.66 -6.04 -14.22
C PHE A 161 14.57 -6.80 -13.30
N GLU A 162 15.82 -6.36 -13.29
CA GLU A 162 16.88 -6.92 -12.46
C GLU A 162 17.30 -5.81 -11.51
N GLU A 163 16.59 -5.82 -10.39
CA GLU A 163 16.66 -4.88 -9.27
C GLU A 163 17.98 -4.39 -8.63
N GLN A 164 17.88 -3.21 -7.99
CA GLN A 164 18.99 -2.51 -7.32
C GLN A 164 19.70 -3.26 -6.19
N SER B 9 15.41 -1.84 29.56
CA SER B 9 14.19 -2.59 29.14
C SER B 9 13.08 -2.48 30.19
N HIS B 10 12.87 -1.24 30.62
CA HIS B 10 11.84 -0.86 31.59
C HIS B 10 11.88 0.61 31.25
N MSE B 11 11.00 1.05 30.37
CA MSE B 11 11.12 2.45 30.11
C MSE B 11 9.98 3.31 29.67
O MSE B 11 8.83 3.08 30.03
CB MSE B 11 12.36 2.73 29.26
CG MSE B 11 12.41 2.37 27.79
SE MSE B 11 14.31 2.74 27.42
CE MSE B 11 14.86 1.17 26.43
N GLU B 12 10.31 4.29 28.86
CA GLU B 12 9.31 5.25 28.56
C GLU B 12 9.59 5.91 27.20
N LEU B 13 8.56 6.43 26.56
CA LEU B 13 8.71 6.98 25.21
C LEU B 13 9.98 7.72 24.80
N TYR B 14 10.22 8.90 25.38
CA TYR B 14 11.40 9.67 25.03
C TYR B 14 12.65 8.82 24.97
N GLU B 15 13.00 8.20 26.08
CA GLU B 15 14.17 7.33 26.17
C GLU B 15 14.27 6.35 25.00
N CYS B 16 13.26 5.51 24.82
CA CYS B 16 13.27 4.53 23.73
C CYS B 16 13.50 5.21 22.40
N ILE B 17 12.74 6.27 22.17
CA ILE B 17 12.86 7.03 20.94
C ILE B 17 14.30 7.53 20.79
N GLN B 18 14.78 8.26 21.78
CA GLN B 18 16.16 8.76 21.73
C GLN B 18 17.11 7.60 21.49
N ASP B 19 17.01 6.56 22.29
CA ASP B 19 17.88 5.42 22.12
C ASP B 19 17.84 4.86 20.70
N ILE B 20 16.65 4.69 20.16
CA ILE B 20 16.51 4.16 18.81
C ILE B 20 16.87 5.13 17.70
N PHE B 21 16.14 6.24 17.60
CA PHE B 21 16.37 7.24 16.56
C PHE B 21 17.50 8.21 16.84
N GLY B 22 17.87 8.34 18.12
CA GLY B 22 18.92 9.27 18.49
C GLY B 22 20.13 9.24 17.57
N GLY B 23 20.67 8.04 17.34
CA GLY B 23 21.84 7.90 16.49
C GLY B 23 21.62 8.04 15.00
N LEU B 24 20.38 7.98 14.56
CA LEU B 24 20.08 8.10 13.13
C LEU B 24 20.55 9.43 12.56
N LYS B 25 21.39 9.34 11.55
CA LYS B 25 21.94 10.52 10.88
C LYS B 25 21.62 10.36 9.40
N ASN B 26 20.83 11.28 8.87
CA ASN B 26 20.44 11.23 7.46
C ASN B 26 19.91 9.85 7.09
N PRO B 27 18.87 9.38 7.80
CA PRO B 27 18.31 8.06 7.52
C PRO B 27 17.50 8.02 6.22
N SER B 28 17.21 6.81 5.75
CA SER B 28 16.44 6.62 4.53
C SER B 28 15.09 6.05 4.91
N VAL B 29 14.18 5.98 3.95
CA VAL B 29 12.85 5.43 4.20
C VAL B 29 12.95 4.09 4.90
N LYS B 30 13.97 3.29 4.54
CA LYS B 30 14.15 1.98 5.14
C LYS B 30 14.61 2.08 6.60
N ASP B 31 15.54 3.00 6.85
CA ASP B 31 16.06 3.22 8.20
C ASP B 31 14.94 3.66 9.13
N LEU B 32 14.01 4.46 8.61
CA LEU B 32 12.89 4.96 9.38
C LEU B 32 11.84 3.89 9.65
N ALA B 33 11.54 3.07 8.65
CA ALA B 33 10.54 2.01 8.83
C ALA B 33 11.01 0.97 9.83
N THR B 34 12.16 0.36 9.58
CA THR B 34 12.68 -0.67 10.47
C THR B 34 12.88 -0.09 11.86
N SER B 35 13.26 1.19 11.90
CA SER B 35 13.50 1.87 13.16
C SER B 35 12.26 1.84 14.04
N LEU B 36 11.21 2.56 13.66
CA LEU B 36 10.01 2.61 14.48
C LEU B 36 9.25 1.29 14.59
N LYS B 37 9.92 0.19 14.24
CA LYS B 37 9.32 -1.14 14.35
C LYS B 37 9.97 -1.83 15.53
N GLN B 38 10.77 -1.07 16.28
CA GLN B 38 11.46 -1.59 17.44
C GLN B 38 10.92 -1.03 18.73
N ILE B 39 10.09 0.00 18.61
CA ILE B 39 9.46 0.62 19.76
C ILE B 39 8.60 -0.46 20.42
N PRO B 40 8.95 -0.86 21.65
CA PRO B 40 8.23 -1.90 22.39
C PRO B 40 6.84 -1.43 22.76
N ASN B 41 5.83 -2.16 22.30
CA ASN B 41 4.44 -1.83 22.60
C ASN B 41 4.20 -0.34 22.45
N ALA B 42 4.49 0.13 21.24
CA ALA B 42 4.36 1.52 20.88
C ALA B 42 2.99 2.06 21.19
N ALA B 43 1.96 1.27 20.87
CA ALA B 43 0.60 1.71 21.13
C ALA B 43 0.40 2.18 22.56
N LYS B 44 0.79 1.35 23.52
CA LYS B 44 0.63 1.70 24.92
C LYS B 44 1.47 2.89 25.33
N LEU B 45 2.75 2.86 25.00
CA LEU B 45 3.66 3.96 25.33
C LEU B 45 3.22 5.31 24.75
N SER B 46 2.46 5.26 23.65
CA SER B 46 2.00 6.45 22.94
C SER B 46 0.88 7.29 23.53
N GLN B 47 0.51 6.99 24.77
CA GLN B 47 -0.51 7.77 25.46
C GLN B 47 0.15 8.24 26.78
N PRO B 48 -0.12 9.47 27.21
CA PRO B 48 -0.99 10.44 26.56
C PRO B 48 -0.17 11.43 25.77
N TYR B 49 0.42 10.98 24.69
CA TYR B 49 1.17 11.89 23.86
C TYR B 49 0.24 12.19 22.71
N ILE B 50 -0.96 11.60 22.81
CA ILE B 50 -2.06 11.72 21.84
C ILE B 50 -2.93 12.93 22.17
N LYS B 51 -3.10 13.83 21.21
CA LYS B 51 -3.92 15.02 21.43
C LYS B 51 -5.18 15.06 20.60
N GLU B 52 -6.01 16.04 20.90
CA GLU B 52 -7.27 16.23 20.20
C GLU B 52 -7.06 17.18 19.04
N PRO B 53 -7.90 17.07 18.01
CA PRO B 53 -7.78 17.94 16.85
C PRO B 53 -7.85 19.39 17.30
N ASP B 54 -6.73 20.09 17.26
CA ASP B 54 -6.70 21.47 17.69
C ASP B 54 -6.54 22.41 16.49
N GLN B 55 -5.31 22.78 16.21
CA GLN B 55 -5.01 23.66 15.09
C GLN B 55 -5.38 22.99 13.76
N TYR B 56 -5.42 21.66 13.75
CA TYR B 56 -5.76 20.89 12.54
C TYR B 56 -7.08 20.11 12.66
N ALA B 57 -7.36 19.28 11.65
CA ALA B 57 -8.58 18.47 11.63
C ALA B 57 -8.37 17.18 12.41
N TYR B 58 -7.09 16.86 12.62
CA TYR B 58 -6.70 15.68 13.37
C TYR B 58 -5.78 16.11 14.50
N GLY B 59 -5.75 15.36 15.60
CA GLY B 59 -4.89 15.71 16.72
C GLY B 59 -3.45 15.51 16.27
N ARG B 60 -2.59 16.47 16.59
CA ARG B 60 -1.20 16.37 16.18
C ARG B 60 -0.27 16.78 17.33
N ASN B 61 0.65 15.92 17.71
CA ASN B 61 1.53 16.25 18.80
C ASN B 61 2.95 15.75 18.63
N ALA B 62 3.88 16.68 18.46
CA ALA B 62 5.29 16.35 18.31
C ALA B 62 5.78 15.94 19.69
N ILE B 63 6.53 14.84 19.76
CA ILE B 63 7.02 14.40 21.06
C ILE B 63 8.54 14.32 21.13
N TYR B 64 9.21 14.35 19.99
CA TYR B 64 10.66 14.31 19.97
C TYR B 64 11.22 14.97 18.74
N ARG B 65 12.28 15.75 18.91
CA ARG B 65 12.90 16.41 17.76
C ARG B 65 14.33 16.88 17.99
N ASN B 66 15.19 16.56 17.03
CA ASN B 66 16.58 16.99 17.09
C ASN B 66 16.88 17.72 15.78
N ASN B 67 18.13 17.76 15.37
CA ASN B 67 18.50 18.47 14.14
C ASN B 67 18.33 17.57 12.94
N GLU B 68 18.22 16.28 13.23
CA GLU B 68 18.09 15.28 12.20
C GLU B 68 16.63 14.95 11.84
N LEU B 69 15.92 14.34 12.78
CA LEU B 69 14.54 13.95 12.55
C LEU B 69 13.53 14.56 13.50
N GLU B 70 12.29 14.14 13.34
CA GLU B 70 11.18 14.65 14.11
C GLU B 70 10.13 13.55 14.23
N ILE B 71 9.52 13.42 15.40
CA ILE B 71 8.50 12.39 15.62
C ILE B 71 7.17 12.95 16.13
N ILE B 72 6.08 12.64 15.46
CA ILE B 72 4.80 13.18 15.90
C ILE B 72 3.71 12.12 16.03
N VAL B 73 2.77 12.37 16.95
CA VAL B 73 1.66 11.45 17.18
C VAL B 73 0.44 12.01 16.48
N ILE B 74 -0.06 11.26 15.51
CA ILE B 74 -1.20 11.73 14.76
C ILE B 74 -2.47 10.97 15.10
N ASN B 75 -3.54 11.74 15.32
CA ASN B 75 -4.84 11.21 15.69
C ASN B 75 -5.89 11.71 14.70
N ILE B 76 -6.27 10.84 13.77
CA ILE B 76 -7.30 11.20 12.79
C ILE B 76 -8.65 10.64 13.22
N PRO B 77 -9.58 11.53 13.62
CA PRO B 77 -10.90 11.05 14.05
C PRO B 77 -11.60 10.29 12.94
N PRO B 78 -12.63 9.50 13.29
CA PRO B 78 -13.39 8.70 12.32
C PRO B 78 -13.93 9.51 11.14
N ASN B 79 -13.70 8.97 9.95
CA ASN B 79 -14.14 9.59 8.71
C ASN B 79 -13.54 10.95 8.42
N LYS B 80 -12.39 11.23 9.04
CA LYS B 80 -11.70 12.49 8.83
C LYS B 80 -10.48 12.22 7.96
N GLU B 81 -9.77 13.28 7.57
CA GLU B 81 -8.62 13.09 6.72
C GLU B 81 -7.71 14.30 6.71
N THR B 82 -6.54 14.15 6.10
CA THR B 82 -5.58 15.22 6.03
C THR B 82 -5.70 15.90 4.66
N THR B 83 -4.76 16.78 4.37
CA THR B 83 -4.75 17.49 3.11
C THR B 83 -3.89 16.67 2.18
N VAL B 84 -3.90 17.02 0.91
CA VAL B 84 -3.06 16.33 -0.06
C VAL B 84 -1.77 17.13 0.05
N HIS B 85 -0.64 16.48 0.26
CA HIS B 85 0.59 17.24 0.43
C HIS B 85 1.86 16.44 0.25
N ASP B 86 2.97 17.16 0.11
CA ASP B 86 4.26 16.50 0.06
C ASP B 86 4.87 16.89 1.40
N HIS B 87 6.00 16.30 1.75
CA HIS B 87 6.59 16.60 3.04
C HIS B 87 7.82 17.47 2.91
N GLY B 88 7.63 18.60 2.23
CA GLY B 88 8.71 19.53 2.01
C GLY B 88 9.85 18.93 1.21
N GLN B 89 10.97 18.72 1.90
CA GLN B 89 12.22 18.17 1.35
C GLN B 89 12.57 16.97 2.16
N SER B 90 11.63 16.54 2.96
CA SER B 90 11.91 15.46 3.82
C SER B 90 11.11 14.32 3.36
N ILE B 91 11.43 13.19 3.92
CA ILE B 91 10.72 12.01 3.60
C ILE B 91 10.09 11.79 4.95
N GLY B 92 9.28 10.77 5.04
CA GLY B 92 8.66 10.53 6.31
C GLY B 92 8.03 9.19 6.30
N CYS B 93 8.41 8.38 7.29
CA CYS B 93 7.83 7.07 7.43
C CYS B 93 6.79 7.18 8.55
N ALA B 94 5.79 6.32 8.52
CA ALA B 94 4.75 6.36 9.54
C ALA B 94 4.18 4.98 9.84
N MSE B 95 3.87 4.73 11.10
CA MSE B 95 3.33 3.43 11.49
C MSE B 95 2.04 3.63 12.26
O MSE B 95 1.98 4.38 13.22
CB MSE B 95 4.35 2.70 12.35
CG MSE B 95 3.95 1.30 12.72
SE MSE B 95 5.13 0.54 14.04
CE MSE B 95 3.81 -0.08 15.33
N VAL B 96 0.97 2.97 11.81
CA VAL B 96 -0.31 3.10 12.50
C VAL B 96 -0.23 2.33 13.82
N LEU B 97 -0.68 2.95 14.89
CA LEU B 97 -0.60 2.29 16.19
C LEU B 97 -1.94 1.74 16.52
N GLU B 98 -2.91 2.36 15.90
CA GLU B 98 -4.21 1.94 16.24
C GLU B 98 -5.23 2.39 15.24
N GLY B 99 -5.87 1.40 14.65
CA GLY B 99 -6.88 1.68 13.67
C GLY B 99 -6.41 1.14 12.35
N LYS B 100 -6.84 1.84 11.31
CA LYS B 100 -6.51 1.46 9.96
C LYS B 100 -6.77 2.68 9.11
N LEU B 101 -5.76 3.11 8.39
CA LEU B 101 -5.95 4.25 7.52
C LEU B 101 -5.82 3.84 6.06
N LEU B 102 -6.26 4.74 5.19
CA LEU B 102 -6.22 4.54 3.75
C LEU B 102 -5.25 5.58 3.26
N ASN B 103 -4.16 5.13 2.64
CA ASN B 103 -3.15 6.06 2.12
C ASN B 103 -3.26 6.23 0.60
N SER B 104 -3.71 7.43 0.22
CA SER B 104 -3.92 7.81 -1.17
C SER B 104 -2.73 8.56 -1.70
N ILE B 105 -2.34 8.20 -2.91
CA ILE B 105 -1.19 8.79 -3.56
C ILE B 105 -1.56 9.56 -4.80
N TYR B 106 -0.90 10.69 -5.00
CA TYR B 106 -1.18 11.53 -6.16
C TYR B 106 0.07 11.88 -6.95
N ARG B 107 -0.15 12.34 -8.19
CA ARG B 107 0.95 12.74 -9.07
C ARG B 107 0.54 13.89 -9.95
N SER B 108 0.93 15.11 -9.58
CA SER B 108 0.62 16.29 -10.38
C SER B 108 1.80 17.21 -10.51
N THR B 109 1.68 18.20 -11.38
CA THR B 109 2.73 19.18 -11.61
C THR B 109 2.15 20.60 -11.67
N GLY B 110 0.83 20.70 -11.75
CA GLY B 110 0.20 22.01 -11.81
C GLY B 110 -0.34 22.48 -10.47
N GLU B 111 -1.58 22.99 -10.48
CA GLU B 111 -2.24 23.47 -9.26
C GLU B 111 -2.84 22.30 -8.47
N HIS B 112 -3.21 21.23 -9.18
CA HIS B 112 -3.79 20.06 -8.54
C HIS B 112 -3.02 18.80 -8.93
N ALA B 113 -3.32 17.71 -8.22
CA ALA B 113 -2.72 16.40 -8.46
C ALA B 113 -3.83 15.37 -8.54
N GLU B 114 -3.52 14.20 -9.08
CA GLU B 114 -4.52 13.14 -9.21
C GLU B 114 -4.20 11.95 -8.30
N LEU B 115 -4.82 10.81 -8.56
CA LEU B 115 -4.58 9.61 -7.76
C LEU B 115 -3.79 8.57 -8.52
N SER B 116 -2.53 8.40 -8.14
CA SER B 116 -1.66 7.42 -8.77
C SER B 116 -1.74 6.06 -8.06
N ASN B 117 -2.29 6.05 -6.86
CA ASN B 117 -2.42 4.82 -6.09
C ASN B 117 -3.26 5.03 -4.83
N SER B 118 -3.59 3.93 -4.17
CA SER B 118 -4.41 3.98 -2.97
C SER B 118 -4.41 2.61 -2.29
N TYR B 119 -4.07 2.56 -1.01
CA TYR B 119 -4.03 1.29 -0.28
C TYR B 119 -4.24 1.44 1.22
N PHE B 120 -4.44 0.31 1.91
CA PHE B 120 -4.64 0.34 3.34
C PHE B 120 -3.41 -0.11 4.10
N VAL B 121 -3.19 0.53 5.25
CA VAL B 121 -2.08 0.17 6.12
C VAL B 121 -2.67 0.00 7.52
N HIS B 122 -2.55 -1.21 8.05
CA HIS B 122 -3.11 -1.55 9.36
C HIS B 122 -2.11 -1.47 10.51
N GLU B 123 -2.58 -1.74 11.72
CA GLU B 123 -1.74 -1.67 12.91
C GLU B 123 -0.36 -2.29 12.72
N GLY B 124 0.65 -1.67 13.32
CA GLY B 124 2.00 -2.18 13.22
C GLY B 124 2.65 -2.08 11.86
N GLU B 125 1.88 -1.72 10.83
CA GLU B 125 2.44 -1.59 9.50
C GLU B 125 2.83 -0.12 9.26
N CYS B 126 3.81 0.11 8.38
CA CYS B 126 4.25 1.48 8.12
C CYS B 126 3.98 1.91 6.69
N LEU B 127 3.86 3.23 6.49
CA LEU B 127 3.65 3.77 5.16
C LEU B 127 4.87 4.63 4.83
N ILE B 128 5.32 4.56 3.58
CA ILE B 128 6.47 5.32 3.17
C ILE B 128 6.05 6.55 2.38
N SER B 129 6.79 7.65 2.58
CA SER B 129 6.54 8.89 1.86
C SER B 129 7.89 9.30 1.32
N THR B 130 8.20 8.84 0.12
CA THR B 130 9.47 9.13 -0.53
C THR B 130 9.61 10.64 -0.72
N LYS B 131 10.80 11.08 -1.13
CA LYS B 131 11.05 12.50 -1.33
C LYS B 131 10.16 13.10 -2.42
N GLY B 132 9.41 14.14 -2.06
CA GLY B 132 8.54 14.79 -3.02
C GLY B 132 7.27 14.01 -3.33
N LEU B 133 6.97 13.04 -2.49
CA LEU B 133 5.78 12.22 -2.67
C LEU B 133 4.54 12.93 -2.15
N ILE B 134 3.47 12.90 -2.95
CA ILE B 134 2.20 13.53 -2.57
C ILE B 134 1.24 12.44 -2.15
N HIS B 135 0.50 12.67 -1.07
CA HIS B 135 -0.44 11.70 -0.56
C HIS B 135 -1.40 12.34 0.43
N LYS B 136 -2.38 11.56 0.84
CA LYS B 136 -3.36 12.01 1.81
C LYS B 136 -3.65 10.84 2.71
N MSE B 137 -4.12 11.13 3.92
CA MSE B 137 -4.46 10.08 4.86
C MSE B 137 -5.87 10.27 5.36
O MSE B 137 -6.22 11.33 5.88
CB MSE B 137 -3.47 10.06 6.01
CG MSE B 137 -2.17 9.40 5.62
SE MSE B 137 -0.88 9.52 7.02
CE MSE B 137 -1.82 8.52 8.38
N SER B 138 -6.69 9.25 5.19
CA SER B 138 -8.07 9.30 5.61
C SER B 138 -8.41 8.13 6.50
N ASN B 139 -9.38 8.35 7.37
CA ASN B 139 -9.84 7.33 8.28
C ASN B 139 -11.26 6.93 7.89
N PRO B 140 -11.38 5.92 7.01
CA PRO B 140 -12.70 5.47 6.57
C PRO B 140 -13.46 4.80 7.70
N THR B 141 -12.72 4.16 8.60
CA THR B 141 -13.31 3.46 9.73
C THR B 141 -14.06 4.40 10.67
N SER B 142 -15.02 3.85 11.41
CA SER B 142 -15.82 4.63 12.35
C SER B 142 -15.10 4.76 13.69
N GLU B 143 -13.89 4.22 13.76
CA GLU B 143 -13.08 4.28 14.96
C GLU B 143 -11.91 5.24 14.69
N ARG B 144 -11.41 5.92 15.73
CA ARG B 144 -10.30 6.86 15.53
C ARG B 144 -9.03 6.09 15.12
N MSE B 145 -8.10 6.80 14.51
CA MSE B 145 -6.86 6.20 14.04
C MSE B 145 -5.66 6.96 14.60
O MSE B 145 -5.55 8.17 14.40
CB MSE B 145 -6.84 6.23 12.51
CG MSE B 145 -5.84 5.31 11.84
SE MSE B 145 -3.98 5.92 11.75
CE MSE B 145 -4.24 7.84 11.67
N VAL B 146 -4.77 6.25 15.28
CA VAL B 146 -3.58 6.88 15.84
C VAL B 146 -2.31 6.43 15.12
N SER B 147 -1.48 7.38 14.72
CA SER B 147 -0.25 7.08 13.98
C SER B 147 1.03 7.73 14.48
N LEU B 148 2.12 7.01 14.33
CA LEU B 148 3.44 7.47 14.76
C LEU B 148 4.27 7.86 13.55
N HIS B 149 4.44 9.16 13.36
CA HIS B 149 5.20 9.67 12.23
C HIS B 149 6.58 10.17 12.56
N VAL B 150 7.50 9.92 11.64
CA VAL B 150 8.87 10.35 11.76
C VAL B 150 9.19 11.13 10.48
N TYR B 151 9.62 12.37 10.66
CA TYR B 151 9.95 13.19 9.51
C TYR B 151 11.40 13.58 9.62
N SER B 152 12.14 13.36 8.54
CA SER B 152 13.56 13.72 8.48
C SER B 152 13.89 14.41 7.16
N PRO B 153 14.38 15.65 7.21
CA PRO B 153 14.63 16.42 8.43
C PRO B 153 13.29 16.87 8.99
N PRO B 154 13.26 17.43 10.21
CA PRO B 154 11.98 17.89 10.76
C PRO B 154 11.30 18.60 9.60
N LEU B 155 9.99 18.42 9.42
CA LEU B 155 9.39 19.08 8.28
C LEU B 155 9.24 20.58 8.43
N GLU B 156 9.52 21.27 7.32
CA GLU B 156 9.47 22.72 7.26
C GLU B 156 8.17 23.20 6.62
N ASP B 157 8.14 23.18 5.29
CA ASP B 157 6.96 23.62 4.57
C ASP B 157 6.30 22.55 3.71
N MSE B 158 5.16 22.05 4.15
CA MSE B 158 4.44 21.07 3.34
C MSE B 158 3.97 21.91 2.16
O MSE B 158 4.29 23.09 2.05
CB MSE B 158 3.21 20.50 4.09
CG MSE B 158 3.52 19.43 5.14
SE MSE B 158 1.91 18.79 6.10
CE MSE B 158 2.46 17.01 6.56
N THR B 159 3.22 21.28 1.26
CA THR B 159 2.68 21.97 0.10
C THR B 159 1.33 21.34 -0.13
N VAL B 160 0.28 22.15 -0.06
CA VAL B 160 -1.06 21.63 -0.23
C VAL B 160 -1.64 21.76 -1.63
N PHE B 161 -2.00 20.61 -2.20
CA PHE B 161 -2.59 20.53 -3.52
C PHE B 161 -4.09 20.38 -3.30
N GLU B 162 -4.86 20.65 -4.35
CA GLU B 162 -6.32 20.58 -4.28
C GLU B 162 -6.95 19.38 -5.00
FE FE C . 1.70 -7.83 -11.81
FE FE D . 2.01 13.29 5.56
#